data_9JZY
#
_entry.id   9JZY
#
_cell.length_a   56.022
_cell.length_b   56.022
_cell.length_c   198.990
_cell.angle_alpha   90.000
_cell.angle_beta   90.000
_cell.angle_gamma   90.000
#
_symmetry.space_group_name_H-M   'P 43 21 2'
#
loop_
_entity.id
_entity.type
_entity.pdbx_description
1 polymer 'Phosphoribosylformylglycinamidine cyclo-ligase'
2 non-polymer 'ZINC ION'
3 non-polymer 'CHLORIDE ION'
4 water water
#
_entity_poly.entity_id   1
_entity_poly.type   'polypeptide(L)'
_entity_poly.pdbx_seq_one_letter_code
;MLTYAQAGVDEEKTAKALRAIIDAARRTFKFRMNKIGEPGDIGHYSALLDFKDFYLAITTDGVGTKILVAEAVNKFDTIG
IDMIAMNVNDLICVGAEPVALVDYLAVKEPNEDVFQQIAKGLYEGAKEAGIAIVGGETAVMPDLINGYDLAGTAVGIVEK
DKVVTGEKIKPDDIVIGISSSGIHSNGLTLARKLLIPKYGLDYEYNGKKLWEWLLEPTRIYVKPILKLINEVEVHGLAHI
TGGGLLNLKRLTKYGFELEMPPIDGIFKLIYENGVPLEEMFRVFNMGVGFMVIVPQEEKENALQILNKYYESFELGKVIK
EPEKIKVKNYGITL
;
_entity_poly.pdbx_strand_id   A
#
loop_
_chem_comp.id
_chem_comp.type
_chem_comp.name
_chem_comp.formula
CL non-polymer 'CHLORIDE ION' 'Cl -1'
ZN non-polymer 'ZINC ION' 'Zn 2'
#
# COMPACT_ATOMS: atom_id res chain seq x y z
N THR A 14 -17.84 3.94 12.74
CA THR A 14 -17.27 2.78 12.08
C THR A 14 -16.26 2.07 12.97
N ALA A 15 -15.41 2.86 13.62
CA ALA A 15 -14.35 2.29 14.45
C ALA A 15 -14.94 1.50 15.62
N LYS A 16 -15.97 2.05 16.27
CA LYS A 16 -16.57 1.39 17.42
C LYS A 16 -17.06 -0.01 17.06
N ALA A 17 -17.76 -0.14 15.93
CA ALA A 17 -18.29 -1.44 15.53
C ALA A 17 -17.17 -2.42 15.22
N LEU A 18 -16.11 -1.95 14.55
CA LEU A 18 -15.04 -2.84 14.12
C LEU A 18 -14.27 -3.43 15.30
N ARG A 19 -14.21 -2.72 16.43
CA ARG A 19 -13.46 -3.23 17.57
C ARG A 19 -13.99 -4.58 18.03
N ALA A 20 -15.28 -4.84 17.83
CA ALA A 20 -15.85 -6.12 18.25
C ALA A 20 -15.21 -7.28 17.50
N ILE A 21 -15.06 -7.13 16.18
CA ILE A 21 -14.41 -8.18 15.39
C ILE A 21 -12.95 -8.34 15.78
N ILE A 22 -12.25 -7.21 15.94
CA ILE A 22 -10.82 -7.26 16.23
C ILE A 22 -10.56 -7.87 17.61
N ASP A 23 -11.39 -7.50 18.59
CA ASP A 23 -11.22 -8.06 19.94
C ASP A 23 -11.55 -9.54 19.96
N ALA A 24 -12.54 -9.97 19.20
CA ALA A 24 -12.90 -11.39 19.14
C ALA A 24 -11.79 -12.20 18.48
N ALA A 25 -11.20 -11.68 17.40
CA ALA A 25 -10.13 -12.38 16.72
C ALA A 25 -8.90 -12.51 17.61
N ARG A 26 -8.64 -11.50 18.45
CA ARG A 26 -7.47 -11.57 19.32
C ARG A 26 -7.64 -12.63 20.40
N ARG A 27 -8.88 -12.93 20.80
CA ARG A 27 -9.11 -13.99 21.77
C ARG A 27 -8.87 -15.38 21.19
N THR A 28 -8.86 -15.53 19.87
CA THR A 28 -8.64 -16.83 19.27
C THR A 28 -7.16 -17.20 19.15
N PHE A 29 -6.26 -16.28 19.51
CA PHE A 29 -4.83 -16.57 19.39
C PHE A 29 -4.41 -17.70 20.30
N LYS A 30 -5.07 -17.86 21.46
CA LYS A 30 -4.73 -18.94 22.37
C LYS A 30 -4.97 -20.31 21.78
N PHE A 31 -5.80 -20.41 20.73
CA PHE A 31 -6.11 -21.69 20.11
C PHE A 31 -4.93 -22.30 19.37
N ARG A 32 -3.88 -21.54 19.10
CA ARG A 32 -2.68 -22.05 18.47
C ARG A 32 -1.47 -22.02 19.40
N MET A 33 -1.70 -21.92 20.71
CA MET A 33 -0.60 -21.86 21.66
C MET A 33 0.18 -23.17 21.65
N ASN A 34 1.50 -23.07 21.49
CA ASN A 34 2.38 -24.23 21.35
C ASN A 34 1.91 -25.15 20.22
N LYS A 35 1.38 -24.56 19.16
CA LYS A 35 0.97 -25.29 17.97
C LYS A 35 1.55 -24.62 16.74
N ILE A 36 1.64 -25.39 15.66
CA ILE A 36 2.21 -24.87 14.43
C ILE A 36 1.35 -23.73 13.91
N GLY A 37 2.01 -22.72 13.34
CA GLY A 37 1.32 -21.57 12.79
C GLY A 37 0.82 -20.56 13.79
N GLU A 38 1.33 -20.57 15.02
CA GLU A 38 0.88 -19.64 16.03
C GLU A 38 1.15 -18.20 15.59
N PRO A 39 0.20 -17.29 15.73
CA PRO A 39 0.45 -15.89 15.36
C PRO A 39 1.36 -15.21 16.37
N GLY A 40 2.05 -14.18 15.90
CA GLY A 40 2.95 -13.41 16.73
C GLY A 40 3.10 -11.97 16.30
N SER A 46 0.66 -6.86 8.20
CA SER A 46 0.81 -8.31 8.07
C SER A 46 0.84 -9.02 9.42
N ALA A 47 0.12 -10.13 9.51
CA ALA A 47 0.24 -11.04 10.64
C ALA A 47 1.28 -12.10 10.29
N LEU A 48 2.09 -12.47 11.29
CA LEU A 48 3.19 -13.40 11.09
C LEU A 48 2.89 -14.69 11.82
N LEU A 49 2.90 -15.81 11.09
CA LEU A 49 2.56 -17.12 11.62
C LEU A 49 3.84 -17.94 11.78
N ASP A 50 4.05 -18.45 13.00
CA ASP A 50 5.25 -19.19 13.34
C ASP A 50 5.16 -20.60 12.77
N PHE A 51 5.91 -20.87 11.70
CA PHE A 51 5.98 -22.21 11.11
C PHE A 51 7.30 -22.89 11.39
N LYS A 52 7.99 -22.49 12.47
CA LYS A 52 9.21 -23.11 12.98
C LYS A 52 10.42 -22.82 12.08
N ASP A 53 10.35 -23.24 10.82
CA ASP A 53 11.42 -22.99 9.87
C ASP A 53 11.38 -21.57 9.31
N PHE A 54 10.26 -20.87 9.47
CA PHE A 54 10.07 -19.53 8.92
C PHE A 54 8.79 -18.96 9.48
N TYR A 55 8.54 -17.68 9.16
CA TYR A 55 7.25 -17.05 9.38
C TYR A 55 6.47 -17.01 8.08
N LEU A 56 5.16 -17.27 8.18
CA LEU A 56 4.25 -17.05 7.07
C LEU A 56 3.52 -15.73 7.30
N ALA A 57 3.75 -14.77 6.42
CA ALA A 57 3.05 -13.50 6.46
C ALA A 57 1.73 -13.62 5.70
N ILE A 58 0.68 -13.06 6.27
CA ILE A 58 -0.65 -13.12 5.66
C ILE A 58 -1.29 -11.74 5.76
N THR A 59 -1.93 -11.31 4.67
CA THR A 59 -2.52 -9.97 4.62
C THR A 59 -3.79 -10.02 3.79
N THR A 60 -4.66 -9.03 4.01
CA THR A 60 -5.97 -9.01 3.38
C THR A 60 -6.35 -7.57 3.09
N ASP A 61 -6.86 -7.32 1.89
CA ASP A 61 -7.22 -5.97 1.46
C ASP A 61 -8.08 -6.04 0.22
N GLY A 62 -9.04 -5.12 0.11
CA GLY A 62 -9.85 -4.95 -1.08
C GLY A 62 -9.55 -3.62 -1.76
N VAL A 63 -10.10 -3.48 -2.97
CA VAL A 63 -9.83 -2.27 -3.76
C VAL A 63 -10.65 -1.08 -3.29
N GLY A 64 -11.79 -1.30 -2.64
CA GLY A 64 -12.61 -0.18 -2.19
C GLY A 64 -13.39 0.46 -3.32
N THR A 65 -13.62 1.77 -3.19
CA THR A 65 -14.45 2.50 -4.13
C THR A 65 -13.74 2.88 -5.42
N LYS A 66 -12.48 2.49 -5.59
CA LYS A 66 -11.83 2.65 -6.90
C LYS A 66 -12.56 1.85 -7.96
N ILE A 67 -13.26 0.78 -7.57
CA ILE A 67 -14.04 0.00 -8.51
C ILE A 67 -15.26 0.76 -9.00
N LEU A 68 -15.70 1.78 -8.27
CA LEU A 68 -16.82 2.60 -8.75
C LEU A 68 -16.41 3.42 -9.97
N VAL A 69 -15.19 3.94 -9.97
CA VAL A 69 -14.68 4.65 -11.15
C VAL A 69 -14.53 3.68 -12.32
N ALA A 70 -14.08 2.45 -12.03
CA ALA A 70 -13.96 1.45 -13.08
C ALA A 70 -15.30 1.15 -13.73
N GLU A 71 -16.37 1.07 -12.92
CA GLU A 71 -17.70 0.82 -13.46
C GLU A 71 -18.18 2.02 -14.27
N ALA A 72 -17.87 3.23 -13.82
CA ALA A 72 -18.38 4.43 -14.49
C ALA A 72 -17.84 4.55 -15.90
N VAL A 73 -16.63 4.06 -16.16
CA VAL A 73 -16.00 4.19 -17.47
C VAL A 73 -15.81 2.84 -18.15
N ASN A 74 -16.33 1.76 -17.55
CA ASN A 74 -16.23 0.41 -18.11
C ASN A 74 -14.78 0.04 -18.41
N LYS A 75 -13.91 0.26 -17.42
CA LYS A 75 -12.49 -0.04 -17.55
C LYS A 75 -12.05 -0.80 -16.31
N PHE A 76 -11.95 -2.12 -16.41
CA PHE A 76 -11.66 -2.99 -15.28
C PHE A 76 -10.30 -3.68 -15.38
N ASP A 77 -9.49 -3.32 -16.36
CA ASP A 77 -8.27 -4.09 -16.65
C ASP A 77 -7.08 -3.69 -15.78
N THR A 78 -7.24 -2.73 -14.85
CA THR A 78 -6.19 -2.41 -13.90
C THR A 78 -6.62 -2.51 -12.45
N ILE A 79 -7.90 -2.79 -12.19
CA ILE A 79 -8.37 -2.87 -10.80
C ILE A 79 -7.77 -4.09 -10.11
N GLY A 80 -7.45 -5.14 -10.86
CA GLY A 80 -6.78 -6.30 -10.27
C GLY A 80 -5.34 -6.00 -9.91
N ILE A 81 -4.69 -5.09 -10.64
CA ILE A 81 -3.38 -4.61 -10.24
C ILE A 81 -3.45 -3.95 -8.88
N ASP A 82 -4.48 -3.14 -8.65
CA ASP A 82 -4.65 -2.47 -7.36
C ASP A 82 -4.80 -3.48 -6.24
N MET A 83 -5.69 -4.47 -6.42
CA MET A 83 -5.93 -5.47 -5.38
C MET A 83 -4.65 -6.21 -5.02
N ILE A 84 -3.90 -6.65 -6.03
CA ILE A 84 -2.66 -7.37 -5.77
C ILE A 84 -1.63 -6.44 -5.11
N ALA A 85 -1.58 -5.18 -5.56
CA ALA A 85 -0.58 -4.24 -5.03
C ALA A 85 -0.80 -3.97 -3.55
N MET A 86 -2.06 -3.75 -3.15
CA MET A 86 -2.33 -3.46 -1.75
C MET A 86 -1.96 -4.64 -0.85
N ASN A 87 -2.01 -5.87 -1.37
CA ASN A 87 -1.68 -7.04 -0.56
C ASN A 87 -0.17 -7.29 -0.53
N VAL A 88 0.46 -7.34 -1.69
CA VAL A 88 1.87 -7.74 -1.74
C VAL A 88 2.78 -6.62 -1.20
N ASN A 89 2.36 -5.36 -1.34
CA ASN A 89 3.16 -4.28 -0.77
C ASN A 89 3.13 -4.30 0.75
N ASP A 90 2.06 -4.83 1.34
CA ASP A 90 1.99 -4.99 2.78
C ASP A 90 2.76 -6.20 3.27
N LEU A 91 3.05 -7.17 2.39
CA LEU A 91 3.88 -8.30 2.77
C LEU A 91 5.35 -7.92 2.84
N ILE A 92 5.83 -7.19 1.83
CA ILE A 92 7.24 -6.81 1.80
C ILE A 92 7.58 -5.78 2.87
N CYS A 93 6.57 -5.17 3.50
CA CYS A 93 6.84 -4.26 4.61
C CYS A 93 7.69 -4.92 5.68
N VAL A 94 7.45 -6.20 5.94
CA VAL A 94 8.15 -6.94 6.98
C VAL A 94 9.29 -7.78 6.42
N GLY A 95 9.63 -7.60 5.14
CA GLY A 95 10.67 -8.38 4.52
C GLY A 95 10.22 -9.71 3.95
N ALA A 96 8.93 -9.95 3.86
CA ALA A 96 8.42 -11.23 3.38
C ALA A 96 8.37 -11.26 1.86
N GLU A 97 8.77 -12.39 1.28
CA GLU A 97 8.65 -12.59 -0.15
C GLU A 97 7.25 -13.06 -0.50
N PRO A 98 6.48 -12.31 -1.28
CA PRO A 98 5.13 -12.75 -1.63
C PRO A 98 5.18 -14.03 -2.46
N VAL A 99 4.24 -14.93 -2.17
CA VAL A 99 4.22 -16.27 -2.76
C VAL A 99 2.93 -16.53 -3.52
N ALA A 100 1.78 -16.30 -2.88
CA ALA A 100 0.51 -16.66 -3.48
C ALA A 100 -0.56 -15.64 -3.08
N LEU A 101 -1.66 -15.66 -3.81
CA LEU A 101 -2.81 -14.81 -3.53
C LEU A 101 -4.08 -15.54 -3.93
N VAL A 102 -5.12 -15.39 -3.12
CA VAL A 102 -6.46 -15.84 -3.46
C VAL A 102 -7.38 -14.62 -3.44
N ASP A 103 -8.38 -14.64 -4.31
CA ASP A 103 -9.22 -13.48 -4.53
C ASP A 103 -10.66 -13.77 -4.14
N TYR A 104 -11.37 -12.72 -3.72
CA TYR A 104 -12.81 -12.79 -3.51
C TYR A 104 -13.47 -11.78 -4.44
N LEU A 105 -14.31 -12.27 -5.34
CA LEU A 105 -15.01 -11.43 -6.29
C LEU A 105 -16.51 -11.60 -6.10
N ALA A 106 -17.18 -10.54 -5.68
CA ALA A 106 -18.63 -10.53 -5.47
C ALA A 106 -19.26 -9.59 -6.48
N VAL A 107 -20.20 -10.10 -7.26
CA VAL A 107 -20.78 -9.35 -8.37
C VAL A 107 -22.30 -9.39 -8.29
N LYS A 108 -22.94 -8.38 -8.85
CA LYS A 108 -24.39 -8.44 -9.06
C LYS A 108 -24.73 -9.40 -10.20
N GLU A 109 -24.08 -9.22 -11.35
CA GLU A 109 -24.30 -10.06 -12.51
C GLU A 109 -22.96 -10.52 -13.07
N PRO A 110 -22.88 -11.76 -13.57
CA PRO A 110 -21.65 -12.23 -14.20
C PRO A 110 -21.51 -11.75 -15.63
N ASN A 111 -20.87 -10.60 -15.82
CA ASN A 111 -20.63 -10.04 -17.14
C ASN A 111 -19.35 -10.62 -17.69
N GLU A 112 -19.45 -11.33 -18.81
CA GLU A 112 -18.29 -12.00 -19.39
C GLU A 112 -17.19 -11.01 -19.76
N ASP A 113 -17.57 -9.87 -20.35
CA ASP A 113 -16.57 -8.91 -20.82
C ASP A 113 -15.86 -8.23 -19.65
N VAL A 114 -16.59 -7.92 -18.58
CA VAL A 114 -15.97 -7.34 -17.40
C VAL A 114 -15.01 -8.34 -16.76
N PHE A 115 -15.40 -9.61 -16.72
CA PHE A 115 -14.56 -10.62 -16.11
C PHE A 115 -13.27 -10.82 -16.89
N GLN A 116 -13.33 -10.77 -18.22
CA GLN A 116 -12.11 -10.83 -19.02
C GLN A 116 -11.23 -9.62 -18.76
N GLN A 117 -11.83 -8.45 -18.53
CA GLN A 117 -11.05 -7.27 -18.17
C GLN A 117 -10.34 -7.46 -16.83
N ILE A 118 -11.10 -7.87 -15.81
CA ILE A 118 -10.53 -8.07 -14.48
C ILE A 118 -9.39 -9.08 -14.52
N ALA A 119 -9.56 -10.15 -15.29
CA ALA A 119 -8.54 -11.20 -15.36
C ALA A 119 -7.23 -10.68 -15.93
N LYS A 120 -7.29 -9.72 -16.87
CA LYS A 120 -6.06 -9.17 -17.43
C LYS A 120 -5.25 -8.43 -16.36
N GLY A 121 -5.93 -7.66 -15.52
CA GLY A 121 -5.23 -6.96 -14.45
C GLY A 121 -4.68 -7.90 -13.40
N LEU A 122 -5.42 -8.97 -13.11
CA LEU A 122 -4.94 -9.95 -12.14
C LEU A 122 -3.69 -10.67 -12.65
N TYR A 123 -3.64 -10.98 -13.95
CA TYR A 123 -2.46 -11.62 -14.50
C TYR A 123 -1.26 -10.69 -14.45
N GLU A 124 -1.44 -9.44 -14.92
CA GLU A 124 -0.32 -8.51 -14.95
C GLU A 124 0.17 -8.16 -13.55
N GLY A 125 -0.75 -8.02 -12.60
CA GLY A 125 -0.34 -7.76 -11.22
C GLY A 125 0.41 -8.92 -10.62
N ALA A 126 -0.05 -10.15 -10.87
CA ALA A 126 0.68 -11.33 -10.39
C ALA A 126 2.04 -11.45 -11.05
N LYS A 127 2.17 -10.98 -12.29
CA LYS A 127 3.46 -11.03 -12.97
C LYS A 127 4.47 -10.10 -12.31
N GLU A 128 4.05 -8.86 -12.03
CA GLU A 128 4.94 -7.91 -11.39
C GLU A 128 5.31 -8.35 -9.98
N ALA A 129 4.35 -8.91 -9.24
CA ALA A 129 4.59 -9.36 -7.89
C ALA A 129 5.28 -10.71 -7.81
N GLY A 130 5.41 -11.42 -8.94
CA GLY A 130 6.05 -12.72 -8.93
C GLY A 130 5.31 -13.76 -8.12
N ILE A 131 3.99 -13.72 -8.12
CA ILE A 131 3.19 -14.62 -7.30
C ILE A 131 2.26 -15.43 -8.21
N ALA A 132 1.69 -16.47 -7.63
CA ALA A 132 0.66 -17.27 -8.29
C ALA A 132 -0.68 -17.00 -7.63
N ILE A 133 -1.71 -16.85 -8.46
CA ILE A 133 -3.08 -16.77 -7.99
C ILE A 133 -3.61 -18.20 -7.91
N VAL A 134 -3.71 -18.74 -6.69
CA VAL A 134 -3.90 -20.17 -6.50
C VAL A 134 -5.35 -20.53 -6.18
N GLY A 135 -6.24 -19.56 -6.03
CA GLY A 135 -7.62 -19.89 -5.76
C GLY A 135 -8.46 -18.65 -5.56
N GLY A 136 -9.66 -18.88 -5.06
CA GLY A 136 -10.57 -17.79 -4.77
C GLY A 136 -12.01 -18.23 -4.94
N GLU A 137 -12.91 -17.29 -4.66
CA GLU A 137 -14.34 -17.53 -4.75
C GLU A 137 -15.01 -16.37 -5.49
N THR A 138 -15.83 -16.70 -6.48
CA THR A 138 -16.71 -15.75 -7.15
C THR A 138 -18.13 -16.01 -6.70
N ALA A 139 -18.80 -14.97 -6.19
CA ALA A 139 -20.14 -15.09 -5.63
C ALA A 139 -21.07 -14.16 -6.39
N VAL A 140 -22.00 -14.74 -7.15
CA VAL A 140 -23.03 -13.98 -7.85
C VAL A 140 -24.20 -13.85 -6.87
N MET A 141 -24.36 -12.66 -6.29
CA MET A 141 -25.43 -12.38 -5.34
C MET A 141 -26.06 -11.05 -5.70
N PRO A 142 -27.07 -11.05 -6.59
CA PRO A 142 -27.70 -9.78 -6.99
C PRO A 142 -28.58 -9.17 -5.91
N ASP A 143 -28.99 -9.93 -4.90
CA ASP A 143 -29.71 -9.40 -3.76
C ASP A 143 -28.78 -8.81 -2.70
N LEU A 144 -27.52 -8.61 -3.03
CA LEU A 144 -26.51 -8.32 -2.03
C LEU A 144 -25.49 -7.31 -2.55
N ILE A 145 -25.02 -7.50 -3.77
CA ILE A 145 -24.08 -6.57 -4.42
C ILE A 145 -24.84 -5.83 -5.52
N ASN A 146 -24.56 -4.52 -5.64
CA ASN A 146 -25.15 -3.71 -6.71
C ASN A 146 -24.12 -3.32 -7.76
N GLY A 147 -23.02 -4.08 -7.84
CA GLY A 147 -22.00 -3.83 -8.84
C GLY A 147 -20.88 -4.85 -8.81
N TYR A 148 -19.70 -4.43 -8.36
CA TYR A 148 -18.53 -5.29 -8.32
C TYR A 148 -17.75 -5.02 -7.06
N ASP A 149 -17.25 -6.10 -6.45
CA ASP A 149 -16.47 -6.02 -5.22
C ASP A 149 -15.31 -7.00 -5.35
N LEU A 150 -14.09 -6.47 -5.32
CA LEU A 150 -12.88 -7.28 -5.50
C LEU A 150 -11.98 -7.13 -4.29
N ALA A 151 -11.63 -8.24 -3.67
CA ALA A 151 -10.71 -8.28 -2.55
C ALA A 151 -9.80 -9.48 -2.71
N GLY A 152 -8.89 -9.66 -1.76
CA GLY A 152 -7.96 -10.77 -1.86
C GLY A 152 -7.13 -10.91 -0.60
N THR A 153 -6.48 -12.07 -0.50
CA THR A 153 -5.57 -12.40 0.59
C THR A 153 -4.27 -12.92 0.00
N ALA A 154 -3.15 -12.43 0.49
CA ALA A 154 -1.84 -12.83 0.03
C ALA A 154 -1.03 -13.44 1.17
N VAL A 155 -0.21 -14.43 0.84
CA VAL A 155 0.71 -15.06 1.78
C VAL A 155 2.13 -14.89 1.28
N GLY A 156 3.06 -14.67 2.22
CA GLY A 156 4.47 -14.59 1.89
C GLY A 156 5.28 -15.33 2.94
N ILE A 157 6.58 -15.43 2.68
CA ILE A 157 7.49 -16.16 3.55
C ILE A 157 8.68 -15.26 3.89
N VAL A 158 9.10 -15.31 5.15
CA VAL A 158 10.28 -14.59 5.61
C VAL A 158 10.95 -15.42 6.69
N GLU A 159 12.28 -15.52 6.61
CA GLU A 159 13.02 -16.24 7.63
C GLU A 159 12.95 -15.49 8.96
N LYS A 160 13.05 -16.25 10.05
CA LYS A 160 12.79 -15.69 11.37
C LYS A 160 13.78 -14.59 11.74
N ASP A 161 15.02 -14.67 11.27
CA ASP A 161 16.02 -13.66 11.56
C ASP A 161 16.10 -12.57 10.49
N LYS A 162 15.16 -12.56 9.53
CA LYS A 162 15.14 -11.56 8.48
C LYS A 162 13.95 -10.62 8.57
N VAL A 163 13.12 -10.74 9.61
CA VAL A 163 11.97 -9.85 9.75
C VAL A 163 12.45 -8.42 9.94
N VAL A 164 11.95 -7.52 9.09
CA VAL A 164 12.27 -6.10 9.19
C VAL A 164 11.20 -5.47 10.07
N THR A 165 11.54 -5.24 11.34
CA THR A 165 10.60 -4.72 12.32
C THR A 165 10.66 -3.20 12.44
N GLY A 166 11.78 -2.58 12.08
CA GLY A 166 12.04 -1.20 12.38
C GLY A 166 12.80 -0.97 13.67
N GLU A 167 13.07 -2.03 14.43
CA GLU A 167 13.76 -1.90 15.70
C GLU A 167 15.21 -1.44 15.50
N LYS A 168 15.80 -1.75 14.35
CA LYS A 168 17.18 -1.37 14.05
C LYS A 168 17.29 0.06 13.56
N ILE A 169 16.18 0.78 13.42
CA ILE A 169 16.22 2.18 13.01
C ILE A 169 16.79 3.03 14.13
N LYS A 170 17.86 3.75 13.83
CA LYS A 170 18.54 4.61 14.79
C LYS A 170 18.74 5.98 14.16
N PRO A 171 18.95 7.02 14.97
CA PRO A 171 19.23 8.35 14.42
C PRO A 171 20.41 8.33 13.46
N ASP A 172 20.34 9.20 12.46
CA ASP A 172 21.26 9.37 11.34
C ASP A 172 21.00 8.36 10.23
N ASP A 173 20.06 7.42 10.39
CA ASP A 173 19.65 6.59 9.28
C ASP A 173 18.94 7.43 8.23
N ILE A 174 19.11 7.05 6.97
CA ILE A 174 18.63 7.81 5.82
C ILE A 174 17.31 7.23 5.35
N VAL A 175 16.36 8.10 5.04
CA VAL A 175 15.04 7.71 4.53
C VAL A 175 15.04 7.94 3.03
N ILE A 176 14.69 6.90 2.27
CA ILE A 176 14.62 6.95 0.82
C ILE A 176 13.19 6.65 0.40
N GLY A 177 12.64 7.48 -0.48
CA GLY A 177 11.31 7.28 -1.01
C GLY A 177 11.35 6.78 -2.45
N ILE A 178 10.49 5.82 -2.74
CA ILE A 178 10.23 5.37 -4.10
C ILE A 178 8.95 6.03 -4.57
N SER A 179 8.99 6.67 -5.74
CA SER A 179 7.86 7.44 -6.21
C SER A 179 6.64 6.55 -6.45
N SER A 180 5.45 7.13 -6.23
CA SER A 180 4.20 6.41 -6.29
C SER A 180 3.63 6.44 -7.70
N SER A 181 2.46 5.82 -7.87
CA SER A 181 1.72 5.87 -9.12
C SER A 181 0.33 6.44 -8.88
N GLY A 182 -0.59 5.61 -8.39
CA GLY A 182 -1.98 5.99 -8.23
C GLY A 182 -2.36 6.29 -6.79
N ILE A 183 -3.67 6.37 -6.56
CA ILE A 183 -4.25 6.79 -5.28
C ILE A 183 -4.80 5.56 -4.56
N HIS A 184 -4.67 5.55 -3.24
CA HIS A 184 -5.17 4.45 -2.42
C HIS A 184 -6.64 4.65 -2.06
N SER A 185 -7.23 3.63 -1.44
CA SER A 185 -8.68 3.57 -1.26
C SER A 185 -9.20 4.67 -0.32
N ASN A 186 -8.50 4.91 0.79
CA ASN A 186 -8.93 5.94 1.73
C ASN A 186 -8.94 7.31 1.09
N GLY A 187 -7.82 7.70 0.48
CA GLY A 187 -7.77 8.99 -0.18
C GLY A 187 -8.71 9.09 -1.38
N LEU A 188 -8.99 7.96 -2.02
CA LEU A 188 -9.88 7.97 -3.17
C LEU A 188 -11.31 8.30 -2.75
N THR A 189 -11.72 7.89 -1.55
CA THR A 189 -13.05 8.26 -1.07
C THR A 189 -13.17 9.77 -0.90
N LEU A 190 -12.14 10.41 -0.34
CA LEU A 190 -12.15 11.87 -0.21
C LEU A 190 -12.07 12.53 -1.57
N ALA A 191 -11.32 11.95 -2.50
CA ALA A 191 -11.10 12.59 -3.80
C ALA A 191 -12.36 12.54 -4.66
N ARG A 192 -12.98 11.37 -4.77
CA ARG A 192 -14.29 11.27 -5.43
C ARG A 192 -15.27 12.27 -4.84
N LYS A 193 -15.38 12.28 -3.51
CA LYS A 193 -16.38 13.10 -2.84
C LYS A 193 -16.08 14.58 -3.00
N LEU A 194 -14.81 14.95 -3.18
CA LEU A 194 -14.44 16.36 -3.26
C LEU A 194 -14.45 16.87 -4.70
N LEU A 195 -14.10 16.02 -5.65
CA LEU A 195 -13.79 16.45 -7.01
C LEU A 195 -14.84 16.11 -8.04
N ILE A 196 -15.52 14.97 -7.92
CA ILE A 196 -16.44 14.51 -8.97
C ILE A 196 -17.65 15.44 -9.09
N PRO A 197 -18.31 15.87 -8.02
CA PRO A 197 -19.44 16.80 -8.20
C PRO A 197 -19.03 18.13 -8.81
N LYS A 198 -17.91 18.70 -8.37
CA LYS A 198 -17.50 20.01 -8.89
C LYS A 198 -17.03 19.92 -10.34
N TYR A 199 -16.26 18.88 -10.68
CA TYR A 199 -15.57 18.82 -11.96
C TYR A 199 -16.14 17.83 -12.95
N GLY A 200 -16.68 16.70 -12.49
CA GLY A 200 -17.11 15.65 -13.39
C GLY A 200 -15.96 14.75 -13.78
N LEU A 201 -16.27 13.49 -14.08
CA LEU A 201 -15.21 12.52 -14.37
C LEU A 201 -14.46 12.83 -15.66
N ASP A 202 -15.04 13.63 -16.55
CA ASP A 202 -14.43 13.91 -17.84
C ASP A 202 -13.59 15.19 -17.84
N TYR A 203 -13.38 15.80 -16.67
CA TYR A 203 -12.59 17.02 -16.58
C TYR A 203 -11.11 16.72 -16.85
N GLU A 204 -10.50 17.51 -17.73
CA GLU A 204 -9.10 17.32 -18.08
C GLU A 204 -8.24 18.19 -17.18
N TYR A 205 -7.41 17.56 -16.34
CA TYR A 205 -6.51 18.28 -15.44
C TYR A 205 -5.08 17.83 -15.72
N ASN A 206 -4.25 18.76 -16.21
CA ASN A 206 -2.82 18.52 -16.42
C ASN A 206 -2.57 17.30 -17.31
N GLY A 207 -3.34 17.21 -18.40
CA GLY A 207 -3.11 16.22 -19.43
C GLY A 207 -3.83 14.91 -19.24
N LYS A 208 -4.45 14.67 -18.09
CA LYS A 208 -5.19 13.45 -17.84
C LYS A 208 -6.58 13.78 -17.33
N LYS A 209 -7.56 13.02 -17.80
CA LYS A 209 -8.93 13.21 -17.33
C LYS A 209 -9.07 12.72 -15.90
N LEU A 210 -10.05 13.28 -15.19
CA LEU A 210 -10.16 13.04 -13.74
C LEU A 210 -10.33 11.56 -13.44
N TRP A 211 -11.16 10.86 -14.22
CA TRP A 211 -11.34 9.44 -13.98
C TRP A 211 -10.05 8.66 -14.19
N GLU A 212 -9.15 9.17 -15.04
CA GLU A 212 -7.85 8.53 -15.20
C GLU A 212 -6.97 8.74 -13.97
N TRP A 213 -7.02 9.94 -13.39
CA TRP A 213 -6.29 10.18 -12.14
C TRP A 213 -6.80 9.27 -11.03
N LEU A 214 -8.11 9.03 -10.99
CA LEU A 214 -8.71 8.27 -9.90
C LEU A 214 -8.59 6.77 -10.12
N LEU A 215 -8.49 6.33 -11.38
CA LEU A 215 -8.46 4.91 -11.69
C LEU A 215 -7.06 4.35 -11.85
N GLU A 216 -6.06 5.19 -12.12
CA GLU A 216 -4.66 4.82 -12.26
C GLU A 216 -4.25 3.85 -11.15
N PRO A 217 -3.71 2.68 -11.48
CA PRO A 217 -3.41 1.70 -10.45
C PRO A 217 -2.25 2.14 -9.57
N THR A 218 -2.29 1.72 -8.31
CA THR A 218 -1.14 1.90 -7.44
C THR A 218 0.00 1.00 -7.90
N ARG A 219 1.20 1.27 -7.38
CA ARG A 219 2.43 0.69 -7.88
C ARG A 219 2.82 -0.53 -7.06
N ILE A 220 3.34 -1.55 -7.74
CA ILE A 220 3.82 -2.77 -7.10
C ILE A 220 5.32 -2.65 -6.89
N TYR A 221 5.76 -2.83 -5.64
CA TYR A 221 7.14 -2.58 -5.26
C TYR A 221 7.91 -3.85 -4.92
N VAL A 222 7.39 -5.03 -5.29
CA VAL A 222 7.98 -6.28 -4.85
C VAL A 222 9.41 -6.43 -5.36
N LYS A 223 9.58 -6.30 -6.68
CA LYS A 223 10.90 -6.56 -7.27
C LYS A 223 12.00 -5.64 -6.76
N PRO A 224 11.84 -4.31 -6.74
CA PRO A 224 12.94 -3.48 -6.21
C PRO A 224 13.22 -3.71 -4.74
N ILE A 225 12.20 -4.02 -3.94
CA ILE A 225 12.40 -4.20 -2.51
C ILE A 225 13.08 -5.53 -2.22
N LEU A 226 12.64 -6.61 -2.87
CA LEU A 226 13.31 -7.90 -2.70
C LEU A 226 14.77 -7.82 -3.12
N LYS A 227 15.05 -7.12 -4.23
CA LYS A 227 16.43 -6.95 -4.66
C LYS A 227 17.21 -6.10 -3.66
N LEU A 228 16.59 -5.05 -3.12
CA LEU A 228 17.24 -4.23 -2.11
C LEU A 228 17.60 -5.05 -0.88
N ILE A 229 16.64 -5.82 -0.35
CA ILE A 229 16.88 -6.59 0.86
C ILE A 229 17.97 -7.63 0.65
N ASN A 230 18.10 -8.13 -0.58
CA ASN A 230 19.13 -9.12 -0.87
C ASN A 230 20.51 -8.51 -0.93
N GLU A 231 20.63 -7.22 -1.31
CA GLU A 231 21.92 -6.60 -1.56
C GLU A 231 22.36 -5.63 -0.49
N VAL A 232 21.44 -5.05 0.28
CA VAL A 232 21.72 -3.91 1.14
C VAL A 232 21.20 -4.15 2.55
N GLU A 233 21.96 -3.63 3.52
CA GLU A 233 21.51 -3.57 4.91
C GLU A 233 20.30 -2.64 5.02
N VAL A 234 19.17 -3.19 5.47
CA VAL A 234 17.90 -2.47 5.54
C VAL A 234 17.40 -2.48 6.96
N HIS A 235 17.06 -1.30 7.48
CA HIS A 235 16.57 -1.14 8.85
C HIS A 235 15.06 -0.96 8.93
N GLY A 236 14.43 -0.41 7.89
CA GLY A 236 13.00 -0.17 7.94
C GLY A 236 12.33 -0.15 6.57
N LEU A 237 11.10 -0.64 6.51
CA LEU A 237 10.32 -0.68 5.27
C LEU A 237 8.91 -0.23 5.57
N ALA A 238 8.40 0.72 4.77
CA ALA A 238 7.09 1.31 5.01
C ALA A 238 6.34 1.42 3.69
N HIS A 239 5.21 0.73 3.58
CA HIS A 239 4.28 0.93 2.47
C HIS A 239 3.44 2.16 2.77
N ILE A 240 3.60 3.20 1.94
CA ILE A 240 2.87 4.45 2.16
C ILE A 240 1.46 4.29 1.62
N THR A 241 0.58 3.70 2.42
CA THR A 241 -0.80 3.45 2.02
C THR A 241 -1.74 4.36 2.82
N GLY A 242 -2.88 3.84 3.26
CA GLY A 242 -3.79 4.60 4.11
C GLY A 242 -3.12 5.12 5.37
N GLY A 243 -3.07 6.43 5.51
CA GLY A 243 -2.37 7.07 6.61
C GLY A 243 -1.24 7.99 6.20
N GLY A 244 -0.74 7.88 4.96
CA GLY A 244 0.33 8.76 4.51
C GLY A 244 1.59 8.53 5.31
N LEU A 245 2.21 9.62 5.75
CA LEU A 245 3.45 9.56 6.52
C LEU A 245 3.26 8.88 7.88
N LEU A 246 2.02 8.70 8.33
CA LEU A 246 1.78 7.95 9.56
C LEU A 246 2.26 6.51 9.46
N ASN A 247 2.35 5.97 8.24
CA ASN A 247 2.92 4.64 8.06
C ASN A 247 4.41 4.63 8.37
N LEU A 248 5.09 5.76 8.18
CA LEU A 248 6.49 5.89 8.57
C LEU A 248 6.65 6.00 10.08
N LYS A 249 5.67 6.62 10.75
CA LYS A 249 5.80 6.90 12.18
C LYS A 249 5.75 5.63 13.02
N ARG A 250 4.92 4.67 12.62
CA ARG A 250 4.78 3.43 13.37
C ARG A 250 6.04 2.57 13.37
N LEU A 251 7.02 2.90 12.53
CA LEU A 251 8.20 2.06 12.40
C LEU A 251 9.16 2.22 13.58
N THR A 252 9.23 3.40 14.19
CA THR A 252 10.23 3.64 15.22
C THR A 252 9.72 4.71 16.18
N LYS A 253 10.25 4.66 17.40
CA LYS A 253 9.94 5.70 18.39
C LYS A 253 10.74 6.97 18.17
N TYR A 254 11.80 6.92 17.37
CA TYR A 254 12.52 8.11 16.98
C TYR A 254 11.69 8.93 15.98
N GLY A 255 12.12 10.16 15.75
CA GLY A 255 11.45 11.04 14.82
C GLY A 255 12.12 11.07 13.45
N PHE A 256 11.55 11.89 12.57
CA PHE A 256 12.01 12.03 11.20
C PHE A 256 12.10 13.50 10.82
N GLU A 257 13.00 13.79 9.88
CA GLU A 257 13.19 15.14 9.35
C GLU A 257 13.26 15.01 7.82
N LEU A 258 12.13 15.24 7.16
CA LEU A 258 11.96 14.92 5.75
C LEU A 258 11.81 16.17 4.91
N GLU A 259 12.08 16.03 3.61
CA GLU A 259 11.76 17.03 2.59
C GLU A 259 10.95 16.29 1.52
N MET A 260 9.63 16.28 1.70
CA MET A 260 8.75 15.61 0.75
C MET A 260 8.80 16.32 -0.60
N PRO A 261 8.55 15.58 -1.69
CA PRO A 261 8.57 16.20 -3.03
C PRO A 261 7.48 17.24 -3.15
N PRO A 262 7.59 18.14 -4.12
CA PRO A 262 6.56 19.18 -4.28
C PRO A 262 5.19 18.58 -4.57
N ILE A 263 4.15 19.25 -4.07
CA ILE A 263 2.79 18.83 -4.35
C ILE A 263 2.54 18.91 -5.84
N ASP A 264 1.96 17.87 -6.42
CA ASP A 264 1.93 17.72 -7.86
C ASP A 264 0.82 16.77 -8.25
N GLY A 265 0.46 16.81 -9.53
CA GLY A 265 -0.52 15.87 -10.06
C GLY A 265 -1.90 16.12 -9.48
N ILE A 266 -2.61 15.01 -9.22
CA ILE A 266 -3.95 15.10 -8.66
C ILE A 266 -3.93 15.64 -7.24
N PHE A 267 -2.82 15.49 -6.53
CA PHE A 267 -2.75 16.01 -5.16
C PHE A 267 -2.72 17.53 -5.16
N LYS A 268 -2.23 18.15 -6.23
CA LYS A 268 -2.29 19.60 -6.33
C LYS A 268 -3.73 20.09 -6.43
N LEU A 269 -4.55 19.41 -7.23
CA LEU A 269 -5.94 19.83 -7.38
C LEU A 269 -6.72 19.63 -6.09
N ILE A 270 -6.46 18.54 -5.37
CA ILE A 270 -7.16 18.29 -4.11
C ILE A 270 -6.78 19.37 -3.09
N TYR A 271 -5.48 19.67 -3.00
CA TYR A 271 -5.01 20.70 -2.07
C TYR A 271 -5.53 22.07 -2.47
N GLU A 272 -5.65 22.33 -3.78
CA GLU A 272 -6.28 23.56 -4.24
C GLU A 272 -7.75 23.63 -3.85
N ASN A 273 -8.40 22.48 -3.69
CA ASN A 273 -9.82 22.42 -3.39
C ASN A 273 -10.10 22.36 -1.89
N GLY A 274 -9.13 22.70 -1.04
CA GLY A 274 -9.41 23.04 0.34
C GLY A 274 -8.93 22.07 1.41
N VAL A 275 -8.36 20.92 1.05
CA VAL A 275 -7.89 19.98 2.07
C VAL A 275 -6.56 20.49 2.63
N PRO A 276 -6.45 20.67 3.94
CA PRO A 276 -5.24 21.30 4.51
C PRO A 276 -4.01 20.42 4.34
N LEU A 277 -2.85 21.10 4.29
CA LEU A 277 -1.57 20.41 4.11
C LEU A 277 -1.38 19.29 5.13
N GLU A 278 -1.62 19.59 6.40
CA GLU A 278 -1.39 18.61 7.45
C GLU A 278 -2.17 17.33 7.18
N GLU A 279 -3.39 17.44 6.64
CA GLU A 279 -4.21 16.27 6.40
C GLU A 279 -3.85 15.57 5.09
N MET A 280 -3.27 16.28 4.12
CA MET A 280 -2.83 15.64 2.89
C MET A 280 -1.78 14.57 3.17
N PHE A 281 -0.77 14.90 3.98
CA PHE A 281 0.26 13.94 4.33
C PHE A 281 -0.24 12.84 5.27
N ARG A 282 -1.44 12.97 5.82
CA ARG A 282 -2.04 11.92 6.65
C ARG A 282 -3.02 11.04 5.89
N VAL A 283 -3.34 11.38 4.65
CA VAL A 283 -4.35 10.67 3.87
C VAL A 283 -3.77 10.12 2.57
N PHE A 284 -3.12 10.97 1.80
CA PHE A 284 -2.58 10.60 0.50
C PHE A 284 -1.10 10.25 0.61
N ASN A 285 -0.57 9.63 -0.44
CA ASN A 285 0.84 9.25 -0.46
C ASN A 285 1.75 10.40 -0.85
N MET A 286 1.20 11.46 -1.46
CA MET A 286 1.93 12.70 -1.73
C MET A 286 3.17 12.47 -2.60
N GLY A 287 3.09 11.53 -3.52
CA GLY A 287 4.17 11.27 -4.46
C GLY A 287 5.11 10.15 -4.06
N VAL A 288 5.07 9.69 -2.81
CA VAL A 288 5.94 8.62 -2.34
C VAL A 288 5.06 7.43 -1.97
N GLY A 289 5.26 6.32 -2.66
CA GLY A 289 4.46 5.12 -2.42
C GLY A 289 5.10 4.14 -1.46
N PHE A 290 6.42 4.18 -1.34
CA PHE A 290 7.14 3.28 -0.47
C PHE A 290 8.38 3.98 0.07
N MET A 291 8.74 3.68 1.31
CA MET A 291 9.92 4.25 1.95
C MET A 291 10.79 3.16 2.53
N VAL A 292 12.10 3.33 2.41
CA VAL A 292 13.08 2.43 3.01
C VAL A 292 13.99 3.26 3.90
N ILE A 293 14.54 2.61 4.92
CA ILE A 293 15.43 3.25 5.87
C ILE A 293 16.69 2.40 5.96
N VAL A 294 17.80 2.92 5.47
CA VAL A 294 19.07 2.20 5.49
C VAL A 294 20.09 3.05 6.25
N PRO A 295 21.23 2.49 6.65
CA PRO A 295 22.27 3.33 7.27
C PRO A 295 22.78 4.38 6.31
N GLN A 296 23.35 5.44 6.90
CA GLN A 296 23.97 6.53 6.15
C GLN A 296 24.88 6.02 5.04
N GLU A 297 25.67 4.99 5.36
CA GLU A 297 26.70 4.53 4.43
C GLU A 297 26.10 3.82 3.22
N GLU A 298 24.90 3.27 3.35
CA GLU A 298 24.26 2.50 2.28
C GLU A 298 23.48 3.38 1.31
N LYS A 299 23.50 4.70 1.47
CA LYS A 299 22.61 5.58 0.71
C LYS A 299 22.79 5.40 -0.79
N GLU A 300 24.05 5.43 -1.26
CA GLU A 300 24.29 5.36 -2.69
C GLU A 300 24.08 3.96 -3.24
N ASN A 301 24.47 2.94 -2.48
CA ASN A 301 24.14 1.56 -2.85
C ASN A 301 22.64 1.42 -3.07
N ALA A 302 21.85 1.86 -2.09
CA ALA A 302 20.40 1.65 -2.13
C ALA A 302 19.75 2.41 -3.28
N LEU A 303 20.07 3.70 -3.41
CA LEU A 303 19.49 4.48 -4.52
C LEU A 303 19.83 3.85 -5.86
N GLN A 304 21.05 3.33 -6.00
CA GLN A 304 21.45 2.73 -7.27
C GLN A 304 20.66 1.46 -7.58
N ILE A 305 20.30 0.68 -6.57
CA ILE A 305 19.49 -0.52 -6.81
C ILE A 305 18.06 -0.14 -7.14
N LEU A 306 17.45 0.72 -6.31
CA LEU A 306 16.03 1.03 -6.49
C LEU A 306 15.78 1.77 -7.79
N ASN A 307 16.72 2.62 -8.22
CA ASN A 307 16.51 3.39 -9.43
C ASN A 307 16.64 2.54 -10.70
N LYS A 308 17.09 1.30 -10.60
CA LYS A 308 16.95 0.38 -11.73
C LYS A 308 15.49 0.07 -12.01
N TYR A 309 14.60 0.30 -11.05
CA TYR A 309 13.21 -0.09 -11.13
C TYR A 309 12.28 1.12 -11.25
N TYR A 310 12.24 1.97 -10.23
CA TYR A 310 11.47 3.20 -10.26
C TYR A 310 12.34 4.34 -9.77
N GLU A 311 11.89 5.57 -10.02
CA GLU A 311 12.59 6.73 -9.50
C GLU A 311 12.57 6.72 -7.99
N SER A 312 13.75 6.67 -7.38
CA SER A 312 13.90 6.68 -5.94
C SER A 312 14.85 7.81 -5.56
N PHE A 313 14.67 8.34 -4.36
CA PHE A 313 15.35 9.58 -4.00
C PHE A 313 15.45 9.71 -2.50
N GLU A 314 16.47 10.44 -2.06
CA GLU A 314 16.66 10.73 -0.64
C GLU A 314 15.56 11.65 -0.13
N LEU A 315 15.03 11.33 1.03
CA LEU A 315 13.91 12.05 1.63
C LEU A 315 14.27 12.80 2.90
N GLY A 316 14.97 12.16 3.83
CA GLY A 316 15.28 12.78 5.10
C GLY A 316 16.04 11.79 5.97
N LYS A 317 16.04 12.07 7.26
CA LYS A 317 16.81 11.24 8.19
C LYS A 317 16.01 10.99 9.45
N VAL A 318 16.42 9.94 10.15
CA VAL A 318 15.94 9.67 11.50
C VAL A 318 16.70 10.54 12.48
N ILE A 319 15.96 11.23 13.35
CA ILE A 319 16.53 12.19 14.28
C ILE A 319 16.20 11.76 15.71
N LYS A 320 16.79 12.48 16.68
CA LYS A 320 16.81 12.02 18.06
C LYS A 320 15.52 12.36 18.80
N GLU A 321 15.01 13.56 18.58
CA GLU A 321 13.75 13.99 19.16
C GLU A 321 12.65 12.98 18.83
N PRO A 322 12.02 12.35 19.82
CA PRO A 322 11.18 11.19 19.53
C PRO A 322 9.89 11.54 18.79
N GLU A 323 9.40 10.55 18.04
CA GLU A 323 8.06 10.50 17.46
C GLU A 323 7.84 11.41 16.25
N LYS A 324 7.84 12.72 16.48
CA LYS A 324 7.31 13.66 15.49
C LYS A 324 8.03 13.56 14.15
N ILE A 325 7.27 13.72 13.07
CA ILE A 325 7.80 13.84 11.73
C ILE A 325 7.78 15.31 11.34
N LYS A 326 8.94 15.85 11.02
CA LYS A 326 9.08 17.26 10.65
C LYS A 326 9.35 17.34 9.16
N VAL A 327 8.36 17.81 8.40
CA VAL A 327 8.50 18.04 6.97
C VAL A 327 9.10 19.43 6.80
N LYS A 328 10.42 19.47 6.58
CA LYS A 328 11.17 20.73 6.58
C LYS A 328 10.63 21.73 5.57
N ASN A 329 10.65 21.36 4.29
CA ASN A 329 10.29 22.29 3.22
C ASN A 329 8.80 22.59 3.15
N TYR A 330 8.03 22.27 4.19
CA TYR A 330 6.64 22.70 4.27
C TYR A 330 6.30 23.40 5.58
N GLY A 331 6.96 23.07 6.67
CA GLY A 331 6.63 23.64 7.96
C GLY A 331 5.46 22.91 8.58
N ILE A 332 5.42 21.59 8.36
CA ILE A 332 4.42 20.68 8.92
C ILE A 332 5.05 19.74 9.94
N THR A 333 4.30 19.43 11.01
CA THR A 333 4.67 18.40 11.98
C THR A 333 3.52 17.42 12.15
N LEU A 334 3.85 16.12 12.18
CA LEU A 334 2.85 15.07 12.34
C LEU A 334 3.16 14.25 13.60
ZN ZN B . 0.50 1.29 -2.51
ZN ZN C . 21.94 -2.79 10.12
ZN ZN D . 3.04 -18.93 22.12
ZN ZN E . -3.05 -2.57 3.08
ZN ZN F . 31.44 1.70 7.67
ZN ZN G . -20.08 -14.37 -25.07
ZN ZN H . 29.51 6.74 -6.28
ZN ZN I . 27.92 0.27 2.70
ZN ZN J . 19.81 -17.46 9.30
ZN ZN K . -8.33 -1.50 2.26
CL CL L . -0.94 -0.59 -3.13
CL CL M . -2.81 7.81 -1.93
#